data_4RTB
#
_entry.id   4RTB
#
_cell.length_a   92.230
_cell.length_b   92.230
_cell.length_c   167.600
_cell.angle_alpha   90.00
_cell.angle_beta   90.00
_cell.angle_gamma   90.00
#
_symmetry.space_group_name_H-M   'P 41 21 2'
#
loop_
_entity.id
_entity.type
_entity.pdbx_description
1 polymer 'HydG protein'
2 non-polymer S-ADENOSYLMETHIONINE
3 non-polymer 'IRON/SULFUR CLUSTER'
4 non-polymer 'CHLORIDE ION'
5 water water
#
_entity_poly.entity_id   1
_entity_poly.type   'polypeptide(L)'
_entity_poly.pdbx_seq_one_letter_code
;MGSSHHHHHHSSGLVPRGSHMTQEIITLVQRTYEIVNKVNRNPKEEISQIIQKLQKGERLSLIEAGIAFANDTEELDQIL
FWQARKVKEEIYGKRIVLFAPLYLSNICINNCSYCSFRRENKELSRVRLSLEEAVDEAKAIREMGHTRILLVMGEEPEDK
TLSYLEEIIPAIYSEVDIRRINVNIAPLTLKGYERLKKLKIGTYQLFQESYNPEVYREVHLDGPKTNFLWRLNAVERAIE
AGIDDIGIGALFGLGDPLFELLGVIAHADYLKKKFGIGPHTVSVPRLKPALNSVFSNDYKISDHKFKKIVALLRIMLPYT
GIILSTREPQHLRDELVELGVSQMSAASRTGPGEYRGKKGEEERQQFLLSDHRSLAEIVEVLIDKGFLPSFCTACYRKRR
TGKTFMGLADRGQIKDFCTPDALFSFVEYLYEIRDKHPELYKKGNGYLLQVVKDLPNFENIGRAIEYILKGEKDVFI
;
_entity_poly.pdbx_strand_id   A
#
# COMPACT_ATOMS: atom_id res chain seq x y z
N SER A 19 25.91 8.87 -5.63
CA SER A 19 26.86 9.21 -4.56
C SER A 19 26.73 8.26 -3.37
N HIS A 20 25.55 7.68 -3.20
CA HIS A 20 25.31 6.75 -2.10
C HIS A 20 24.93 5.38 -2.64
N MET A 21 25.06 4.36 -1.81
CA MET A 21 24.71 2.99 -2.20
C MET A 21 23.78 2.37 -1.16
N THR A 22 22.85 1.54 -1.63
CA THR A 22 21.82 0.93 -0.80
C THR A 22 22.35 0.29 0.48
N GLN A 23 23.52 -0.35 0.39
CA GLN A 23 24.12 -1.07 1.51
C GLN A 23 24.18 -0.21 2.77
N GLU A 24 24.57 1.05 2.59
CA GLU A 24 24.64 2.04 3.65
C GLU A 24 23.40 2.01 4.55
N ILE A 25 22.22 1.97 3.94
CA ILE A 25 20.96 1.88 4.67
C ILE A 25 21.04 0.82 5.76
N ILE A 26 21.35 -0.42 5.37
CA ILE A 26 21.39 -1.52 6.31
C ILE A 26 22.36 -1.26 7.46
N THR A 27 23.49 -0.61 7.16
CA THR A 27 24.40 -0.25 8.25
C THR A 27 23.67 0.70 9.20
N LEU A 28 23.15 1.81 8.65
CA LEU A 28 22.45 2.82 9.45
C LEU A 28 21.39 2.19 10.35
N VAL A 29 20.37 1.60 9.73
CA VAL A 29 19.26 0.99 10.46
C VAL A 29 19.76 -0.03 11.47
N GLN A 30 20.93 -0.62 11.22
CA GLN A 30 21.51 -1.55 12.19
C GLN A 30 21.97 -0.78 13.43
N ARG A 31 22.83 0.22 13.24
CA ARG A 31 23.35 1.00 14.38
C ARG A 31 22.19 1.54 15.18
N THR A 32 21.27 2.19 14.49
CA THR A 32 20.04 2.72 15.08
C THR A 32 19.37 1.65 15.93
N TYR A 33 19.12 0.49 15.32
CA TYR A 33 18.42 -0.59 16.01
C TYR A 33 19.15 -0.99 17.28
N GLU A 34 20.48 -0.91 17.25
CA GLU A 34 21.26 -1.17 18.45
C GLU A 34 21.00 -0.07 19.46
N ILE A 35 21.25 1.17 19.05
CA ILE A 35 21.15 2.33 19.92
C ILE A 35 19.80 2.36 20.64
N VAL A 36 18.72 2.36 19.86
CA VAL A 36 17.37 2.30 20.39
C VAL A 36 17.24 1.27 21.52
N ASN A 37 17.73 0.06 21.30
CA ASN A 37 17.59 -0.99 22.28
C ASN A 37 18.29 -0.65 23.61
N LYS A 38 19.47 -0.04 23.54
CA LYS A 38 20.09 0.47 24.75
C LYS A 38 19.14 1.46 25.39
N VAL A 39 18.70 2.44 24.59
CA VAL A 39 17.79 3.47 25.07
C VAL A 39 16.49 2.85 25.59
N ASN A 40 16.23 1.58 25.22
CA ASN A 40 15.03 0.92 25.71
C ASN A 40 15.00 0.70 27.22
N ARG A 41 16.16 0.62 27.88
CA ARG A 41 16.11 0.33 29.32
C ARG A 41 16.17 1.57 30.22
N ASN A 42 16.48 2.74 29.65
CA ASN A 42 16.33 3.99 30.41
C ASN A 42 15.52 5.04 29.63
N PRO A 43 14.35 4.65 29.12
CA PRO A 43 13.67 5.47 28.11
C PRO A 43 13.04 6.74 28.66
N LYS A 44 12.74 6.76 29.96
CA LYS A 44 12.01 7.84 30.62
C LYS A 44 12.30 9.22 30.02
N GLU A 45 13.46 9.77 30.37
CA GLU A 45 13.91 11.06 29.85
C GLU A 45 13.61 11.20 28.35
N GLU A 46 14.17 10.28 27.57
CA GLU A 46 13.99 10.30 26.12
C GLU A 46 12.52 10.40 25.76
N ILE A 47 11.72 9.48 26.30
CA ILE A 47 10.29 9.46 26.03
C ILE A 47 9.70 10.85 26.23
N SER A 48 10.02 11.45 27.39
CA SER A 48 9.51 12.77 27.72
C SER A 48 9.77 13.75 26.58
N GLN A 49 11.03 13.86 26.17
CA GLN A 49 11.38 14.87 25.17
C GLN A 49 10.61 14.57 23.89
N ILE A 50 10.50 13.28 23.55
CA ILE A 50 9.79 12.89 22.35
C ILE A 50 8.36 13.39 22.43
N ILE A 51 7.74 13.15 23.58
CA ILE A 51 6.36 13.57 23.80
C ILE A 51 6.24 15.07 23.57
N GLN A 52 7.20 15.84 24.09
CA GLN A 52 7.18 17.28 23.92
C GLN A 52 7.25 17.62 22.44
N LYS A 53 8.16 16.94 21.74
CA LYS A 53 8.31 17.12 20.30
C LYS A 53 7.01 16.83 19.56
N LEU A 54 6.20 15.93 20.11
CA LEU A 54 4.93 15.59 19.48
C LEU A 54 3.87 16.64 19.78
N GLN A 55 3.97 17.26 20.96
CA GLN A 55 3.02 18.29 21.36
C GLN A 55 3.22 19.56 20.55
N LYS A 56 4.48 19.97 20.42
CA LYS A 56 4.82 21.16 19.67
C LYS A 56 4.62 20.95 18.18
N GLY A 57 4.65 19.69 17.75
CA GLY A 57 4.49 19.35 16.35
C GLY A 57 5.83 19.38 15.62
N GLU A 58 6.90 19.26 16.38
CA GLU A 58 8.26 19.30 15.83
C GLU A 58 8.58 18.05 15.01
N ARG A 59 9.55 18.17 14.12
CA ARG A 59 10.03 17.02 13.36
C ARG A 59 10.67 16.01 14.30
N LEU A 60 10.66 14.75 13.91
CA LEU A 60 11.19 13.69 14.78
C LEU A 60 12.26 12.88 14.04
N SER A 61 13.19 12.30 14.78
CA SER A 61 14.30 11.60 14.14
C SER A 61 14.12 10.08 14.21
N LEU A 62 14.98 9.37 13.48
CA LEU A 62 14.92 7.90 13.36
C LEU A 62 14.91 7.21 14.72
N ILE A 63 15.89 7.55 15.55
CA ILE A 63 16.03 6.99 16.88
C ILE A 63 14.79 7.19 17.74
N GLU A 64 14.30 8.43 17.78
CA GLU A 64 13.14 8.78 18.60
C GLU A 64 11.87 8.11 18.09
N ALA A 65 11.81 7.87 16.78
CA ALA A 65 10.73 7.10 16.19
C ALA A 65 10.80 5.66 16.68
N GLY A 66 12.02 5.14 16.73
CA GLY A 66 12.27 3.78 17.21
C GLY A 66 11.79 3.60 18.64
N ILE A 67 12.18 4.56 19.49
CA ILE A 67 11.72 4.58 20.88
C ILE A 67 10.20 4.70 20.95
N ALA A 68 9.64 5.54 20.08
CA ALA A 68 8.20 5.76 20.05
C ALA A 68 7.45 4.47 19.74
N PHE A 69 8.04 3.63 18.90
CA PHE A 69 7.43 2.35 18.58
C PHE A 69 7.63 1.34 19.71
N ALA A 70 8.87 1.24 20.17
CA ALA A 70 9.26 0.20 21.11
C ALA A 70 8.52 0.28 22.45
N ASN A 71 8.23 1.50 22.90
CA ASN A 71 7.65 1.71 24.23
C ASN A 71 6.16 2.01 24.21
N ASP A 72 5.39 1.27 25.00
CA ASP A 72 3.94 1.49 25.08
C ASP A 72 3.52 2.15 26.39
N THR A 73 3.32 3.47 26.36
CA THR A 73 2.76 4.18 27.51
C THR A 73 1.52 4.94 27.07
N GLU A 74 0.62 5.22 28.00
CA GLU A 74 -0.65 5.87 27.69
C GLU A 74 -0.45 7.23 27.03
N GLU A 75 0.31 8.09 27.69
CA GLU A 75 0.57 9.44 27.19
C GLU A 75 1.19 9.41 25.80
N LEU A 76 2.28 8.65 25.68
CA LEU A 76 3.01 8.54 24.42
C LEU A 76 2.14 8.08 23.26
N ASP A 77 1.37 7.02 23.49
CA ASP A 77 0.51 6.45 22.45
C ASP A 77 -0.61 7.42 22.07
N GLN A 78 -1.22 8.03 23.06
CA GLN A 78 -2.30 8.98 22.82
C GLN A 78 -1.84 10.21 22.03
N ILE A 79 -0.71 10.78 22.40
CA ILE A 79 -0.19 11.96 21.70
C ILE A 79 0.32 11.58 20.31
N LEU A 80 0.89 10.39 20.19
CA LEU A 80 1.33 9.87 18.90
C LEU A 80 0.16 9.76 17.93
N PHE A 81 -0.91 9.09 18.38
CA PHE A 81 -2.09 8.91 17.55
C PHE A 81 -2.70 10.25 17.21
N TRP A 82 -2.77 11.14 18.20
CA TRP A 82 -3.29 12.48 18.01
C TRP A 82 -2.57 13.19 16.85
N GLN A 83 -1.24 13.23 16.94
CA GLN A 83 -0.43 13.83 15.88
C GLN A 83 -0.63 13.15 14.53
N ALA A 84 -0.73 11.82 14.54
CA ALA A 84 -0.94 11.07 13.31
C ALA A 84 -2.23 11.50 12.61
N ARG A 85 -3.33 11.54 13.36
CA ARG A 85 -4.62 11.95 12.82
C ARG A 85 -4.56 13.39 12.32
N LYS A 86 -3.84 14.23 13.06
CA LYS A 86 -3.73 15.64 12.67
C LYS A 86 -3.03 15.78 11.33
N VAL A 87 -1.93 15.05 11.16
CA VAL A 87 -1.15 15.06 9.94
C VAL A 87 -1.92 14.50 8.74
N LYS A 88 -2.55 13.34 8.95
CA LYS A 88 -3.34 12.71 7.90
C LYS A 88 -4.46 13.64 7.45
N GLU A 89 -5.08 14.33 8.41
CA GLU A 89 -6.12 15.30 8.08
C GLU A 89 -5.55 16.49 7.32
N GLU A 90 -4.39 16.97 7.75
CA GLU A 90 -3.78 18.16 7.16
C GLU A 90 -3.37 17.96 5.71
N ILE A 91 -2.88 16.78 5.37
CA ILE A 91 -2.40 16.56 4.00
C ILE A 91 -3.44 15.86 3.11
N TYR A 92 -4.11 14.85 3.65
CA TYR A 92 -5.00 14.03 2.84
C TYR A 92 -6.48 14.33 3.06
N GLY A 93 -6.80 14.89 4.21
CA GLY A 93 -8.19 15.14 4.56
C GLY A 93 -8.91 13.86 4.88
N LYS A 94 -10.19 13.78 4.51
CA LYS A 94 -10.98 12.60 4.78
C LYS A 94 -10.95 11.65 3.57
N ARG A 95 -9.91 11.78 2.76
CA ARG A 95 -9.82 11.06 1.50
C ARG A 95 -9.15 9.70 1.62
N ILE A 96 -9.83 8.66 1.14
CA ILE A 96 -9.26 7.33 1.10
C ILE A 96 -9.37 6.78 -0.33
N VAL A 97 -8.25 6.34 -0.89
CA VAL A 97 -8.23 5.87 -2.27
C VAL A 97 -8.44 4.37 -2.33
N LEU A 98 -9.31 3.93 -3.24
CA LEU A 98 -9.64 2.52 -3.35
C LEU A 98 -9.12 1.90 -4.65
N PHE A 99 -8.57 0.69 -4.53
CA PHE A 99 -8.10 -0.06 -5.69
C PHE A 99 -8.39 -1.54 -5.50
N ALA A 100 -8.32 -2.28 -6.60
CA ALA A 100 -8.51 -3.72 -6.56
C ALA A 100 -7.30 -4.43 -7.17
N PRO A 101 -6.77 -5.43 -6.46
CA PRO A 101 -5.64 -6.22 -6.97
C PRO A 101 -6.09 -7.27 -7.98
N LEU A 102 -5.43 -7.31 -9.14
CA LEU A 102 -5.70 -8.34 -10.11
C LEU A 102 -4.54 -9.33 -10.17
N TYR A 103 -4.77 -10.53 -9.67
CA TYR A 103 -3.79 -11.58 -9.71
C TYR A 103 -3.77 -12.21 -11.10
N LEU A 104 -2.65 -12.06 -11.80
CA LEU A 104 -2.56 -12.59 -13.16
C LEU A 104 -2.03 -14.02 -13.18
N SER A 105 -1.25 -14.38 -12.17
CA SER A 105 -0.66 -15.71 -12.10
C SER A 105 -0.19 -16.05 -10.70
N ASN A 106 -0.38 -17.32 -10.31
CA ASN A 106 -0.01 -17.76 -8.97
C ASN A 106 1.13 -18.80 -9.00
N ILE A 107 1.79 -18.91 -10.15
CA ILE A 107 2.97 -19.76 -10.26
C ILE A 107 4.22 -18.93 -10.00
N CYS A 108 5.22 -19.52 -9.33
CA CYS A 108 6.46 -18.80 -9.03
C CYS A 108 7.69 -19.70 -8.93
N ILE A 109 8.86 -19.08 -9.09
CA ILE A 109 10.14 -19.76 -8.99
C ILE A 109 10.59 -19.89 -7.53
N ASN A 110 10.22 -18.90 -6.71
CA ASN A 110 10.69 -18.81 -5.34
C ASN A 110 9.91 -19.64 -4.33
N ASN A 111 10.38 -19.59 -3.08
CA ASN A 111 9.94 -20.53 -2.05
C ASN A 111 10.08 -20.01 -0.62
N CYS A 112 9.51 -18.83 -0.37
CA CYS A 112 9.47 -18.24 0.98
C CYS A 112 8.56 -19.06 1.90
N SER A 113 8.94 -19.15 3.16
CA SER A 113 8.20 -19.93 4.14
C SER A 113 6.77 -19.46 4.32
N TYR A 114 6.55 -18.16 4.19
CA TYR A 114 5.28 -17.54 4.60
C TYR A 114 4.17 -17.56 3.55
N CYS A 115 4.53 -17.65 2.26
CA CYS A 115 3.53 -17.48 1.20
C CYS A 115 2.88 -18.77 0.72
N SER A 116 1.72 -18.62 0.09
CA SER A 116 0.97 -19.76 -0.44
C SER A 116 1.44 -20.11 -1.84
N PHE A 117 2.02 -19.14 -2.53
CA PHE A 117 2.41 -19.30 -3.92
C PHE A 117 3.75 -19.99 -4.09
N ARG A 118 4.43 -20.26 -2.97
CA ARG A 118 5.75 -20.89 -2.99
C ARG A 118 5.74 -22.18 -3.82
N ARG A 119 6.87 -22.46 -4.46
CA ARG A 119 6.96 -23.53 -5.45
C ARG A 119 6.73 -24.92 -4.85
N GLU A 120 7.24 -25.14 -3.66
CA GLU A 120 7.17 -26.46 -3.01
C GLU A 120 5.80 -26.77 -2.43
N ASN A 121 4.84 -25.85 -2.59
CA ASN A 121 3.54 -25.99 -1.97
C ASN A 121 2.75 -27.20 -2.49
N LYS A 122 2.67 -27.36 -3.81
CA LYS A 122 1.97 -28.48 -4.47
C LYS A 122 0.45 -28.49 -4.29
N GLU A 123 -0.02 -27.91 -3.18
CA GLU A 123 -1.43 -27.93 -2.80
C GLU A 123 -2.25 -26.85 -3.51
N LEU A 124 -1.63 -26.20 -4.49
CA LEU A 124 -2.20 -25.00 -5.11
C LEU A 124 -2.55 -25.20 -6.57
N SER A 125 -3.77 -24.81 -6.95
CA SER A 125 -4.18 -24.83 -8.35
C SER A 125 -3.42 -23.77 -9.13
N ARG A 126 -2.41 -24.20 -9.88
CA ARG A 126 -1.55 -23.28 -10.61
C ARG A 126 -2.22 -22.77 -11.88
N VAL A 127 -2.50 -21.48 -11.92
CA VAL A 127 -3.21 -20.86 -13.05
C VAL A 127 -2.50 -19.60 -13.56
N ARG A 128 -2.31 -19.53 -14.87
CA ARG A 128 -1.91 -18.29 -15.52
C ARG A 128 -3.02 -17.89 -16.49
N LEU A 129 -3.37 -16.61 -16.50
CA LEU A 129 -4.54 -16.15 -17.26
C LEU A 129 -4.22 -15.76 -18.70
N SER A 130 -5.07 -16.20 -19.62
CA SER A 130 -4.95 -15.79 -21.02
C SER A 130 -5.27 -14.30 -21.14
N LEU A 131 -5.07 -13.74 -22.32
CA LEU A 131 -5.37 -12.34 -22.56
C LEU A 131 -6.85 -12.06 -22.34
N GLU A 132 -7.70 -12.92 -22.90
CA GLU A 132 -9.14 -12.78 -22.78
C GLU A 132 -9.58 -12.85 -21.32
N GLU A 133 -8.99 -13.78 -20.56
CA GLU A 133 -9.31 -13.94 -19.14
C GLU A 133 -8.94 -12.71 -18.33
N ALA A 134 -7.70 -12.25 -18.48
CA ALA A 134 -7.21 -11.07 -17.77
C ALA A 134 -8.05 -9.83 -18.10
N VAL A 135 -8.30 -9.62 -19.39
CA VAL A 135 -9.13 -8.50 -19.84
C VAL A 135 -10.53 -8.59 -19.24
N ASP A 136 -11.09 -9.80 -19.20
CA ASP A 136 -12.42 -10.00 -18.63
C ASP A 136 -12.44 -9.69 -17.14
N GLU A 137 -11.34 -10.01 -16.46
CA GLU A 137 -11.16 -9.68 -15.06
C GLU A 137 -11.14 -8.16 -14.88
N ALA A 138 -10.46 -7.47 -15.79
CA ALA A 138 -10.42 -6.01 -15.77
C ALA A 138 -11.82 -5.43 -15.97
N LYS A 139 -12.61 -6.07 -16.84
CA LYS A 139 -13.99 -5.66 -17.08
C LYS A 139 -14.84 -5.85 -15.83
N ALA A 140 -14.63 -6.98 -15.14
CA ALA A 140 -15.41 -7.31 -13.95
C ALA A 140 -15.09 -6.36 -12.81
N ILE A 141 -13.81 -6.03 -12.67
CA ILE A 141 -13.36 -5.06 -11.68
C ILE A 141 -13.88 -3.66 -12.00
N ARG A 142 -13.94 -3.32 -13.29
CA ARG A 142 -14.41 -2.00 -13.69
C ARG A 142 -15.92 -1.83 -13.46
N GLU A 143 -16.69 -2.89 -13.75
CA GLU A 143 -18.13 -2.89 -13.54
C GLU A 143 -18.49 -2.62 -12.08
N MET A 144 -17.58 -3.02 -11.19
CA MET A 144 -17.72 -2.82 -9.76
C MET A 144 -17.74 -1.34 -9.41
N GLY A 145 -16.99 -0.55 -10.17
CA GLY A 145 -16.86 0.87 -9.92
C GLY A 145 -15.40 1.24 -9.75
N HIS A 146 -14.56 0.23 -9.56
CA HIS A 146 -13.12 0.40 -9.45
C HIS A 146 -12.53 0.96 -10.73
N THR A 147 -11.51 1.79 -10.61
CA THR A 147 -10.80 2.32 -11.77
C THR A 147 -9.30 2.15 -11.62
N ARG A 148 -8.88 1.69 -10.44
CA ARG A 148 -7.47 1.48 -10.17
C ARG A 148 -7.21 0.00 -9.90
N ILE A 149 -6.22 -0.56 -10.60
CA ILE A 149 -5.93 -1.98 -10.51
C ILE A 149 -4.47 -2.21 -10.09
N LEU A 150 -4.24 -3.23 -9.28
CA LEU A 150 -2.88 -3.61 -8.88
C LEU A 150 -2.54 -5.01 -9.41
N LEU A 151 -1.90 -5.07 -10.57
CA LEU A 151 -1.48 -6.34 -11.15
C LEU A 151 -0.43 -7.03 -10.29
N VAL A 152 -0.71 -8.26 -9.90
CA VAL A 152 0.19 -9.01 -9.04
C VAL A 152 0.43 -10.41 -9.61
N MET A 153 1.69 -10.84 -9.59
CA MET A 153 2.08 -12.14 -10.13
C MET A 153 3.14 -12.83 -9.29
N GLY A 154 3.22 -14.15 -9.44
CA GLY A 154 4.36 -14.89 -8.94
C GLY A 154 5.54 -14.65 -9.87
N GLU A 155 6.75 -14.90 -9.39
CA GLU A 155 7.94 -14.61 -10.19
C GLU A 155 8.21 -15.67 -11.24
N GLU A 156 8.29 -15.24 -12.49
CA GLU A 156 8.74 -16.08 -13.59
C GLU A 156 9.99 -15.39 -14.18
N PRO A 157 10.71 -16.06 -15.10
CA PRO A 157 11.84 -15.37 -15.73
C PRO A 157 11.46 -14.04 -16.36
N GLU A 158 12.42 -13.13 -16.41
CA GLU A 158 12.18 -11.75 -16.84
C GLU A 158 11.48 -11.65 -18.20
N ASP A 159 12.04 -12.32 -19.20
CA ASP A 159 11.52 -12.25 -20.56
C ASP A 159 10.07 -12.76 -20.62
N LYS A 160 9.81 -13.83 -19.88
CA LYS A 160 8.49 -14.42 -19.79
C LYS A 160 7.44 -13.39 -19.35
N THR A 161 7.57 -12.97 -18.09
CA THR A 161 6.63 -12.04 -17.48
C THR A 161 6.50 -10.76 -18.27
N LEU A 162 7.63 -10.24 -18.75
CA LEU A 162 7.62 -8.96 -19.43
C LEU A 162 6.95 -9.05 -20.80
N SER A 163 7.08 -10.18 -21.48
CA SER A 163 6.38 -10.36 -22.74
C SER A 163 4.87 -10.46 -22.47
N TYR A 164 4.54 -11.31 -21.51
CA TYR A 164 3.18 -11.50 -21.01
C TYR A 164 2.48 -10.17 -20.74
N LEU A 165 3.12 -9.32 -19.95
CA LEU A 165 2.60 -8.01 -19.63
C LEU A 165 2.61 -7.09 -20.84
N GLU A 166 3.60 -7.26 -21.71
CA GLU A 166 3.72 -6.45 -22.91
C GLU A 166 2.53 -6.66 -23.83
N GLU A 167 1.91 -7.83 -23.73
CA GLU A 167 0.68 -8.07 -24.49
C GLU A 167 -0.58 -7.76 -23.67
N ILE A 168 -0.52 -7.96 -22.36
CA ILE A 168 -1.73 -7.83 -21.54
C ILE A 168 -2.07 -6.40 -21.12
N ILE A 169 -1.09 -5.64 -20.65
CA ILE A 169 -1.36 -4.29 -20.12
C ILE A 169 -1.96 -3.32 -21.16
N PRO A 170 -1.35 -3.19 -22.35
CA PRO A 170 -1.99 -2.29 -23.32
C PRO A 170 -3.37 -2.76 -23.72
N ALA A 171 -3.58 -4.07 -23.71
CA ALA A 171 -4.88 -4.65 -24.01
C ALA A 171 -5.90 -4.20 -22.98
N ILE A 172 -5.50 -4.17 -21.71
CA ILE A 172 -6.37 -3.67 -20.64
C ILE A 172 -6.65 -2.19 -20.82
N TYR A 173 -5.60 -1.40 -21.04
CA TYR A 173 -5.76 0.04 -21.24
C TYR A 173 -6.73 0.37 -22.39
N SER A 174 -6.67 -0.42 -23.45
CA SER A 174 -7.46 -0.12 -24.63
C SER A 174 -8.89 -0.67 -24.55
N GLU A 175 -9.01 -1.92 -24.13
CA GLU A 175 -10.32 -2.60 -24.07
C GLU A 175 -11.16 -2.20 -22.86
N VAL A 176 -10.50 -1.77 -21.78
CA VAL A 176 -11.21 -1.45 -20.55
C VAL A 176 -10.96 0.00 -20.13
N ASP A 177 -11.88 0.56 -19.35
CA ASP A 177 -11.71 1.92 -18.83
C ASP A 177 -10.98 1.93 -17.49
N ILE A 178 -9.70 1.58 -17.52
CA ILE A 178 -8.89 1.62 -16.30
C ILE A 178 -7.98 2.84 -16.30
N ARG A 179 -8.13 3.68 -15.29
CA ARG A 179 -7.39 4.93 -15.21
C ARG A 179 -5.93 4.70 -14.86
N ARG A 180 -5.67 3.68 -14.03
CA ARG A 180 -4.31 3.42 -13.60
C ARG A 180 -4.04 1.94 -13.40
N ILE A 181 -2.96 1.44 -14.02
CA ILE A 181 -2.47 0.10 -13.71
C ILE A 181 -1.17 0.20 -12.91
N ASN A 182 -1.23 -0.23 -11.66
CA ASN A 182 -0.03 -0.35 -10.84
C ASN A 182 0.49 -1.77 -10.91
N VAL A 183 1.77 -1.94 -10.59
CA VAL A 183 2.43 -3.21 -10.83
C VAL A 183 3.23 -3.71 -9.63
N ASN A 184 2.93 -4.92 -9.19
CA ASN A 184 3.70 -5.58 -8.15
C ASN A 184 4.44 -6.78 -8.70
N ILE A 185 5.51 -6.52 -9.45
CA ILE A 185 6.28 -7.57 -10.12
C ILE A 185 7.67 -7.70 -9.49
N ALA A 186 8.13 -8.95 -9.36
CA ALA A 186 9.48 -9.25 -8.87
C ALA A 186 10.57 -8.43 -9.58
N PRO A 187 11.70 -8.19 -8.90
CA PRO A 187 12.78 -7.33 -9.40
C PRO A 187 13.24 -7.65 -10.82
N LEU A 188 13.54 -6.60 -11.59
CA LEU A 188 13.95 -6.75 -12.97
C LEU A 188 15.31 -6.10 -13.20
N THR A 189 15.91 -6.37 -14.36
CA THR A 189 17.12 -5.68 -14.77
C THR A 189 16.76 -4.30 -15.30
N LEU A 190 17.77 -3.46 -15.52
CA LEU A 190 17.57 -2.13 -16.08
C LEU A 190 16.84 -2.18 -17.42
N LYS A 191 17.20 -3.17 -18.24
CA LYS A 191 16.56 -3.36 -19.53
C LYS A 191 15.09 -3.72 -19.34
N GLY A 192 14.82 -4.55 -18.34
CA GLY A 192 13.46 -4.95 -18.03
C GLY A 192 12.59 -3.79 -17.60
N TYR A 193 13.15 -2.91 -16.78
CA TYR A 193 12.43 -1.72 -16.33
C TYR A 193 12.25 -0.74 -17.48
N GLU A 194 13.23 -0.69 -18.38
CA GLU A 194 13.09 0.10 -19.60
C GLU A 194 11.95 -0.44 -20.45
N ARG A 195 11.76 -1.76 -20.40
CA ARG A 195 10.66 -2.39 -21.13
C ARG A 195 9.34 -2.07 -20.45
N LEU A 196 9.35 -2.01 -19.12
CA LEU A 196 8.14 -1.79 -18.35
C LEU A 196 7.65 -0.35 -18.47
N LYS A 197 8.58 0.60 -18.49
CA LYS A 197 8.25 2.02 -18.63
C LYS A 197 7.49 2.28 -19.93
N LYS A 198 7.74 1.46 -20.95
CA LYS A 198 7.05 1.60 -22.23
C LYS A 198 5.59 1.15 -22.17
N LEU A 199 5.26 0.37 -21.14
CA LEU A 199 3.90 -0.15 -20.98
C LEU A 199 2.96 0.88 -20.36
N LYS A 200 3.53 2.02 -19.98
CA LYS A 200 2.78 3.12 -19.40
C LYS A 200 2.05 2.75 -18.11
N ILE A 201 2.75 2.08 -17.21
CA ILE A 201 2.17 1.74 -15.91
C ILE A 201 2.22 2.94 -14.97
N GLY A 202 1.36 2.94 -13.96
CA GLY A 202 1.36 4.02 -13.00
C GLY A 202 2.50 3.90 -12.00
N THR A 203 2.33 2.99 -11.05
CA THR A 203 3.31 2.83 -9.98
C THR A 203 3.84 1.39 -9.95
N TYR A 204 5.15 1.27 -9.78
CA TYR A 204 5.79 -0.02 -9.64
C TYR A 204 6.08 -0.32 -8.18
N GLN A 205 5.37 -1.31 -7.63
CA GLN A 205 5.51 -1.65 -6.22
C GLN A 205 6.38 -2.88 -6.00
N LEU A 206 7.44 -2.71 -5.21
CA LEU A 206 8.31 -3.81 -4.84
C LEU A 206 8.58 -3.77 -3.34
N PHE A 207 8.10 -4.79 -2.62
CA PHE A 207 8.27 -4.82 -1.18
C PHE A 207 9.58 -5.51 -0.82
N GLN A 208 10.35 -4.90 0.08
CA GLN A 208 11.60 -5.48 0.55
C GLN A 208 11.31 -6.72 1.41
N GLU A 209 10.05 -6.84 1.85
CA GLU A 209 9.59 -7.90 2.76
C GLU A 209 10.28 -7.77 4.13
N SER A 210 11.60 -7.82 4.14
CA SER A 210 12.35 -7.59 5.36
C SER A 210 13.68 -6.90 5.09
N TYR A 211 14.04 -5.98 5.98
CA TYR A 211 15.28 -5.24 5.86
C TYR A 211 16.39 -5.87 6.70
N ASN A 212 16.06 -6.93 7.44
CA ASN A 212 17.07 -7.65 8.18
C ASN A 212 17.57 -8.85 7.38
N PRO A 213 18.82 -8.77 6.88
CA PRO A 213 19.42 -9.84 6.08
C PRO A 213 19.41 -11.17 6.82
N GLU A 214 19.42 -11.11 8.15
CA GLU A 214 19.49 -12.30 8.98
C GLU A 214 18.15 -13.05 9.04
N VAL A 215 17.05 -12.32 8.90
CA VAL A 215 15.74 -12.98 8.85
C VAL A 215 15.26 -13.09 7.40
N TYR A 216 15.80 -12.23 6.53
CA TYR A 216 15.54 -12.32 5.10
C TYR A 216 16.12 -13.62 4.56
N ARG A 217 17.36 -13.91 4.95
CA ARG A 217 17.98 -15.18 4.64
C ARG A 217 17.18 -16.32 5.26
N GLU A 218 16.62 -16.06 6.44
CA GLU A 218 15.91 -17.06 7.20
C GLU A 218 14.61 -17.52 6.54
N VAL A 219 13.89 -16.58 5.93
CA VAL A 219 12.54 -16.87 5.49
C VAL A 219 12.44 -17.12 3.98
N HIS A 220 13.43 -16.64 3.23
CA HIS A 220 13.45 -16.86 1.79
C HIS A 220 14.41 -18.00 1.45
N LEU A 221 13.87 -19.13 1.01
CA LEU A 221 14.62 -20.38 0.99
C LEU A 221 15.16 -20.81 -0.38
N ASP A 222 14.40 -20.54 -1.44
CA ASP A 222 14.80 -20.96 -2.78
C ASP A 222 14.53 -19.88 -3.82
N GLY A 223 15.28 -19.93 -4.92
CA GLY A 223 15.05 -19.02 -6.03
C GLY A 223 15.87 -17.75 -5.96
N PRO A 224 15.67 -16.86 -6.95
CA PRO A 224 16.42 -15.60 -7.09
C PRO A 224 16.13 -14.58 -6.00
N LYS A 225 14.95 -14.66 -5.40
CA LYS A 225 14.59 -13.76 -4.30
C LYS A 225 15.53 -13.93 -3.10
N THR A 226 16.19 -15.08 -3.00
CA THR A 226 17.17 -15.33 -1.93
C THR A 226 18.26 -14.28 -1.90
N ASN A 227 18.37 -13.52 -2.99
CA ASN A 227 19.33 -12.41 -3.04
C ASN A 227 18.77 -11.14 -2.42
N PHE A 228 19.37 -10.74 -1.31
CA PHE A 228 18.96 -9.53 -0.58
C PHE A 228 19.18 -8.27 -1.41
N LEU A 229 20.43 -8.04 -1.81
CA LEU A 229 20.82 -6.82 -2.51
C LEU A 229 20.13 -6.66 -3.85
N TRP A 230 19.92 -7.76 -4.54
CA TRP A 230 19.26 -7.72 -5.84
C TRP A 230 17.84 -7.16 -5.71
N ARG A 231 17.21 -7.40 -4.57
CA ARG A 231 15.85 -6.93 -4.34
C ARG A 231 15.86 -5.53 -3.73
N LEU A 232 16.88 -5.25 -2.92
CA LEU A 232 16.96 -3.97 -2.22
C LEU A 232 17.09 -2.79 -3.17
N ASN A 233 18.04 -2.83 -4.10
CA ASN A 233 18.21 -1.73 -5.04
C ASN A 233 17.47 -1.96 -6.36
N ALA A 234 16.38 -2.71 -6.29
CA ALA A 234 15.52 -2.91 -7.46
C ALA A 234 14.81 -1.63 -7.83
N VAL A 235 14.32 -0.92 -6.82
CA VAL A 235 13.64 0.34 -7.02
C VAL A 235 14.58 1.39 -7.59
N GLU A 236 15.85 1.32 -7.21
CA GLU A 236 16.87 2.20 -7.78
C GLU A 236 16.95 2.01 -9.29
N ARG A 237 17.05 0.76 -9.71
CA ARG A 237 17.07 0.43 -11.12
C ARG A 237 15.79 0.88 -11.81
N ALA A 238 14.66 0.73 -11.11
CA ALA A 238 13.39 1.15 -11.67
C ALA A 238 13.38 2.66 -11.92
N ILE A 239 13.94 3.41 -10.98
CA ILE A 239 14.05 4.85 -11.09
C ILE A 239 14.94 5.25 -12.26
N GLU A 240 16.16 4.72 -12.26
CA GLU A 240 17.16 5.12 -13.27
C GLU A 240 16.76 4.67 -14.67
N ALA A 241 15.79 3.77 -14.77
CA ALA A 241 15.30 3.29 -16.05
C ALA A 241 14.13 4.13 -16.57
N GLY A 242 13.74 5.15 -15.82
CA GLY A 242 12.75 6.10 -16.28
C GLY A 242 11.43 6.10 -15.54
N ILE A 243 11.27 5.18 -14.59
CA ILE A 243 10.05 5.09 -13.79
C ILE A 243 10.18 5.94 -12.53
N ASP A 244 9.30 6.92 -12.37
CA ASP A 244 9.40 7.89 -11.28
C ASP A 244 8.48 7.58 -10.10
N ASP A 245 7.46 6.75 -10.33
CA ASP A 245 6.53 6.38 -9.27
C ASP A 245 6.78 4.96 -8.79
N ILE A 246 7.29 4.83 -7.56
CA ILE A 246 7.63 3.53 -7.00
C ILE A 246 6.99 3.31 -5.63
N GLY A 247 6.88 2.06 -5.21
CA GLY A 247 6.28 1.75 -3.92
C GLY A 247 7.12 0.81 -3.07
N ILE A 248 7.45 1.24 -1.86
CA ILE A 248 8.15 0.38 -0.91
C ILE A 248 7.14 -0.46 -0.15
N GLY A 249 7.62 -1.49 0.55
CA GLY A 249 6.79 -2.28 1.45
C GLY A 249 7.66 -3.13 2.37
N ALA A 250 7.12 -3.48 3.52
CA ALA A 250 7.82 -4.37 4.45
C ALA A 250 6.82 -5.30 5.12
N LEU A 251 7.02 -6.60 4.97
CA LEU A 251 6.14 -7.59 5.58
C LEU A 251 6.35 -7.60 7.09
N PHE A 252 5.30 -7.31 7.84
CA PHE A 252 5.39 -7.24 9.28
C PHE A 252 4.99 -8.56 9.92
N GLY A 253 5.83 -9.03 10.85
CA GLY A 253 5.61 -10.32 11.48
C GLY A 253 6.71 -11.28 11.06
N LEU A 254 7.56 -10.83 10.14
CA LEU A 254 8.69 -11.61 9.68
C LEU A 254 9.82 -11.53 10.70
N GLY A 255 10.19 -10.31 11.07
CA GLY A 255 11.20 -10.09 12.10
C GLY A 255 10.72 -9.07 13.11
N ASP A 256 11.65 -8.56 13.92
CA ASP A 256 11.34 -7.53 14.89
C ASP A 256 10.78 -6.31 14.17
N PRO A 257 9.51 -5.96 14.48
CA PRO A 257 8.76 -4.92 13.76
C PRO A 257 9.48 -3.57 13.83
N LEU A 258 10.14 -3.32 14.94
CA LEU A 258 10.93 -2.11 15.14
C LEU A 258 11.96 -1.94 14.02
N PHE A 259 12.66 -3.02 13.73
CA PHE A 259 13.72 -3.00 12.73
C PHE A 259 13.19 -2.72 11.32
N GLU A 260 12.08 -3.36 10.97
CA GLU A 260 11.49 -3.17 9.64
C GLU A 260 10.93 -1.76 9.49
N LEU A 261 10.27 -1.27 10.54
CA LEU A 261 9.76 0.10 10.56
C LEU A 261 10.88 1.11 10.36
N LEU A 262 11.97 0.92 11.11
CA LEU A 262 13.19 1.71 10.93
C LEU A 262 13.68 1.65 9.48
N GLY A 263 13.74 0.44 8.95
CA GLY A 263 14.27 0.20 7.62
C GLY A 263 13.49 0.89 6.51
N VAL A 264 12.17 0.90 6.61
CA VAL A 264 11.33 1.56 5.62
C VAL A 264 11.62 3.06 5.57
N ILE A 265 11.61 3.69 6.74
CA ILE A 265 11.85 5.11 6.82
C ILE A 265 13.26 5.44 6.32
N ALA A 266 14.23 4.61 6.70
CA ALA A 266 15.60 4.78 6.22
C ALA A 266 15.66 4.69 4.70
N HIS A 267 14.87 3.79 4.15
CA HIS A 267 14.83 3.54 2.71
C HIS A 267 14.27 4.76 1.96
N ALA A 268 13.12 5.24 2.41
CA ALA A 268 12.49 6.42 1.82
C ALA A 268 13.40 7.65 1.94
N ASP A 269 14.01 7.80 3.11
CA ASP A 269 15.03 8.81 3.34
C ASP A 269 16.11 8.75 2.25
N TYR A 270 16.68 7.56 2.10
CA TYR A 270 17.74 7.32 1.12
C TYR A 270 17.32 7.73 -0.28
N LEU A 271 16.15 7.23 -0.71
CA LEU A 271 15.64 7.58 -2.04
C LEU A 271 15.52 9.09 -2.21
N LYS A 272 14.93 9.75 -1.22
CA LYS A 272 14.76 11.20 -1.25
C LYS A 272 16.10 11.92 -1.41
N LYS A 273 17.11 11.47 -0.67
CA LYS A 273 18.42 12.10 -0.74
C LYS A 273 19.12 11.84 -2.07
N LYS A 274 18.93 10.64 -2.61
CA LYS A 274 19.68 10.23 -3.81
C LYS A 274 19.09 10.76 -5.11
N PHE A 275 17.77 10.66 -5.27
CA PHE A 275 17.16 11.02 -6.55
C PHE A 275 16.32 12.30 -6.48
N GLY A 276 16.16 12.85 -5.28
CA GLY A 276 15.38 14.07 -5.12
C GLY A 276 13.89 13.80 -5.02
N ILE A 277 13.50 12.55 -5.32
CA ILE A 277 12.12 12.15 -5.18
C ILE A 277 12.02 10.92 -4.26
N GLY A 278 11.09 10.97 -3.32
CA GLY A 278 10.86 9.85 -2.43
C GLY A 278 9.89 8.88 -3.05
N PRO A 279 9.63 7.77 -2.35
CA PRO A 279 8.65 6.78 -2.80
C PRO A 279 7.25 7.36 -2.78
N HIS A 280 6.46 7.04 -3.80
CA HIS A 280 5.07 7.48 -3.84
C HIS A 280 4.27 6.85 -2.71
N THR A 281 4.43 5.54 -2.52
CA THR A 281 3.66 4.82 -1.50
C THR A 281 4.52 3.88 -0.66
N VAL A 282 4.16 3.75 0.60
CA VAL A 282 4.68 2.71 1.47
C VAL A 282 3.56 1.74 1.84
N SER A 283 3.69 0.49 1.41
CA SER A 283 2.68 -0.53 1.70
C SER A 283 3.01 -1.24 3.01
N VAL A 284 2.06 -1.28 3.94
CA VAL A 284 2.31 -1.93 5.22
C VAL A 284 1.37 -3.10 5.47
N PRO A 285 1.81 -4.31 5.08
CA PRO A 285 1.04 -5.54 5.32
C PRO A 285 1.54 -6.34 6.52
N ARG A 286 0.61 -6.71 7.41
CA ARG A 286 0.93 -7.64 8.48
C ARG A 286 0.80 -9.05 7.94
N LEU A 287 1.59 -9.97 8.49
CA LEU A 287 1.63 -11.33 8.01
C LEU A 287 0.35 -12.09 8.35
N LYS A 288 -0.31 -12.62 7.32
CA LYS A 288 -1.61 -13.25 7.43
C LYS A 288 -1.54 -14.78 7.27
N PRO A 289 -2.59 -15.50 7.68
CA PRO A 289 -2.64 -16.95 7.45
C PRO A 289 -2.54 -17.33 5.98
N ALA A 290 -1.67 -18.29 5.67
CA ALA A 290 -1.47 -18.73 4.29
C ALA A 290 -1.77 -20.20 4.09
N LEU A 291 -1.97 -20.59 2.84
CA LEU A 291 -2.20 -21.98 2.47
C LEU A 291 -0.89 -22.76 2.54
N ASN A 292 -0.85 -23.77 3.40
CA ASN A 292 0.28 -24.69 3.49
C ASN A 292 1.60 -24.01 3.77
N SER A 293 1.55 -22.89 4.49
CA SER A 293 2.75 -22.18 4.90
C SER A 293 3.55 -23.03 5.88
N VAL A 294 4.87 -22.86 5.85
CA VAL A 294 5.75 -23.65 6.69
C VAL A 294 6.59 -22.72 7.59
N PHE A 295 6.16 -21.46 7.67
CA PHE A 295 6.80 -20.47 8.53
C PHE A 295 6.36 -20.62 9.98
N SER A 296 7.24 -21.16 10.82
CA SER A 296 6.91 -21.42 12.21
C SER A 296 7.19 -20.23 13.12
N ASN A 297 8.46 -19.85 13.21
CA ASN A 297 8.88 -18.74 14.06
C ASN A 297 8.17 -17.46 13.65
N ASP A 298 7.59 -16.75 14.62
CA ASP A 298 6.73 -15.62 14.31
C ASP A 298 7.00 -14.39 15.17
N TYR A 299 6.56 -13.24 14.67
CA TYR A 299 6.50 -12.04 15.48
C TYR A 299 5.07 -11.51 15.43
N LYS A 300 4.34 -11.74 16.52
CA LYS A 300 2.94 -11.35 16.60
C LYS A 300 2.78 -9.84 16.57
N ILE A 301 2.23 -9.33 15.49
CA ILE A 301 1.99 -7.89 15.38
C ILE A 301 0.64 -7.53 16.00
N SER A 302 0.68 -6.94 17.19
CA SER A 302 -0.55 -6.57 17.88
C SER A 302 -1.22 -5.39 17.18
N ASP A 303 -2.55 -5.33 17.30
CA ASP A 303 -3.34 -4.26 16.70
C ASP A 303 -2.85 -2.89 17.11
N HIS A 304 -2.58 -2.75 18.42
CA HIS A 304 -2.06 -1.51 18.96
C HIS A 304 -0.75 -1.12 18.30
N LYS A 305 0.19 -2.06 18.29
CA LYS A 305 1.50 -1.81 17.69
C LYS A 305 1.37 -1.50 16.20
N PHE A 306 0.43 -2.17 15.53
CA PHE A 306 0.15 -1.90 14.13
C PHE A 306 -0.25 -0.44 13.92
N LYS A 307 -1.23 0.00 14.71
CA LYS A 307 -1.68 1.39 14.68
C LYS A 307 -0.49 2.32 14.93
N LYS A 308 0.41 1.88 15.80
CA LYS A 308 1.66 2.62 16.03
C LYS A 308 2.53 2.71 14.78
N ILE A 309 2.59 1.62 13.99
CA ILE A 309 3.41 1.65 12.79
C ILE A 309 2.83 2.62 11.78
N VAL A 310 1.52 2.53 11.52
CA VAL A 310 0.93 3.41 10.51
C VAL A 310 0.96 4.86 10.99
N ALA A 311 0.92 5.06 12.30
CA ALA A 311 0.98 6.40 12.87
C ALA A 311 2.36 7.00 12.67
N LEU A 312 3.37 6.26 13.10
CA LEU A 312 4.76 6.68 12.96
C LEU A 312 5.14 6.90 11.50
N LEU A 313 4.67 6.02 10.62
CA LEU A 313 4.92 6.16 9.20
C LEU A 313 4.24 7.43 8.66
N ARG A 314 3.01 7.68 9.09
CA ARG A 314 2.31 8.88 8.64
C ARG A 314 3.02 10.15 9.11
N ILE A 315 3.51 10.16 10.35
CA ILE A 315 4.12 11.35 10.91
C ILE A 315 5.55 11.55 10.41
N MET A 316 6.21 10.46 10.02
CA MET A 316 7.59 10.54 9.54
C MET A 316 7.66 10.86 8.05
N LEU A 317 6.80 10.23 7.25
CA LEU A 317 6.73 10.51 5.82
C LEU A 317 5.34 11.02 5.46
N PRO A 318 5.06 12.29 5.77
CA PRO A 318 3.72 12.88 5.67
C PRO A 318 3.19 12.93 4.24
N TYR A 319 4.04 13.29 3.28
CA TYR A 319 3.61 13.41 1.89
C TYR A 319 3.72 12.08 1.15
N THR A 320 4.06 11.03 1.89
CA THR A 320 4.15 9.69 1.31
C THR A 320 2.89 8.89 1.63
N GLY A 321 2.18 8.46 0.60
CA GLY A 321 0.98 7.67 0.79
C GLY A 321 1.26 6.37 1.52
N ILE A 322 0.26 5.86 2.23
CA ILE A 322 0.38 4.59 2.94
C ILE A 322 -0.70 3.63 2.46
N ILE A 323 -0.28 2.44 2.04
CA ILE A 323 -1.23 1.47 1.48
C ILE A 323 -1.48 0.30 2.43
N LEU A 324 -2.76 0.01 2.64
CA LEU A 324 -3.20 -1.14 3.43
C LEU A 324 -3.53 -2.31 2.50
N SER A 325 -2.52 -3.11 2.19
CA SER A 325 -2.70 -4.22 1.25
C SER A 325 -3.49 -5.38 1.87
N THR A 326 -3.25 -5.65 3.15
CA THR A 326 -3.92 -6.76 3.83
C THR A 326 -5.37 -6.44 4.21
N ARG A 327 -6.23 -7.43 4.09
CA ARG A 327 -7.62 -7.29 4.53
C ARG A 327 -7.70 -7.22 6.05
N GLU A 328 -8.37 -6.20 6.56
CA GLU A 328 -8.56 -6.02 8.00
C GLU A 328 -10.05 -5.89 8.32
N PRO A 329 -10.44 -6.24 9.56
CA PRO A 329 -11.82 -5.99 10.02
C PRO A 329 -12.16 -4.50 9.93
N GLN A 330 -13.44 -4.18 9.69
CA GLN A 330 -13.85 -2.79 9.43
C GLN A 330 -13.39 -1.81 10.50
N HIS A 331 -13.69 -2.13 11.75
CA HIS A 331 -13.44 -1.23 12.87
C HIS A 331 -11.99 -0.80 12.97
N LEU A 332 -11.07 -1.73 12.75
CA LEU A 332 -9.66 -1.42 12.78
C LEU A 332 -9.22 -0.74 11.50
N ARG A 333 -9.73 -1.26 10.38
CA ARG A 333 -9.46 -0.71 9.06
C ARG A 333 -9.64 0.80 9.01
N ASP A 334 -10.81 1.27 9.44
CA ASP A 334 -11.09 2.70 9.36
C ASP A 334 -10.39 3.50 10.46
N GLU A 335 -9.99 2.84 11.54
CA GLU A 335 -9.12 3.47 12.52
C GLU A 335 -7.76 3.75 11.88
N LEU A 336 -7.26 2.78 11.12
CA LEU A 336 -5.99 2.92 10.41
C LEU A 336 -6.12 4.01 9.34
N VAL A 337 -7.29 4.10 8.71
CA VAL A 337 -7.53 5.19 7.78
C VAL A 337 -7.47 6.52 8.51
N GLU A 338 -8.04 6.58 9.72
CA GLU A 338 -7.96 7.77 10.57
C GLU A 338 -6.51 8.15 10.89
N LEU A 339 -5.67 7.15 11.13
CA LEU A 339 -4.34 7.38 11.65
C LEU A 339 -3.23 7.57 10.60
N GLY A 340 -3.52 7.34 9.33
CA GLY A 340 -2.52 7.58 8.30
C GLY A 340 -2.69 6.95 6.94
N VAL A 341 -3.35 5.80 6.90
CA VAL A 341 -3.58 5.07 5.66
C VAL A 341 -4.30 5.93 4.62
N SER A 342 -3.77 5.96 3.40
CA SER A 342 -4.36 6.76 2.35
C SER A 342 -4.84 5.93 1.16
N GLN A 343 -4.47 4.65 1.15
CA GLN A 343 -4.88 3.74 0.08
C GLN A 343 -5.36 2.39 0.64
N MET A 344 -6.33 1.79 -0.03
CA MET A 344 -6.99 0.60 0.49
C MET A 344 -7.44 -0.37 -0.59
N SER A 345 -7.38 -1.66 -0.28
CA SER A 345 -7.89 -2.69 -1.18
C SER A 345 -9.31 -3.07 -0.77
N ALA A 346 -10.26 -2.77 -1.63
CA ALA A 346 -11.67 -3.05 -1.34
C ALA A 346 -12.23 -4.09 -2.29
N ALA A 347 -13.02 -5.01 -1.74
CA ALA A 347 -13.65 -6.09 -2.52
C ALA A 347 -12.59 -6.90 -3.26
N SER A 348 -11.40 -6.99 -2.66
CA SER A 348 -10.24 -7.62 -3.30
C SER A 348 -10.39 -9.13 -3.49
N ARG A 349 -10.00 -9.62 -4.67
CA ARG A 349 -9.87 -11.06 -4.87
C ARG A 349 -8.37 -11.37 -4.88
N THR A 350 -7.96 -12.36 -4.10
CA THR A 350 -6.54 -12.64 -3.92
C THR A 350 -6.15 -13.87 -4.71
N GLY A 351 -7.02 -14.25 -5.65
CA GLY A 351 -6.74 -15.38 -6.52
C GLY A 351 -7.02 -15.04 -7.98
N PRO A 352 -6.20 -15.58 -8.90
CA PRO A 352 -6.36 -15.29 -10.33
C PRO A 352 -7.64 -15.89 -10.93
N GLY A 353 -8.42 -15.06 -11.63
CA GLY A 353 -9.59 -15.50 -12.36
C GLY A 353 -10.87 -15.60 -11.56
N GLU A 354 -10.93 -14.93 -10.41
CA GLU A 354 -12.06 -15.10 -9.50
C GLU A 354 -13.08 -13.97 -9.54
N TYR A 355 -12.69 -12.79 -10.03
CA TYR A 355 -13.60 -11.65 -10.13
C TYR A 355 -14.82 -12.00 -10.98
N ARG A 356 -14.64 -12.87 -11.96
CA ARG A 356 -15.75 -13.34 -12.78
C ARG A 356 -16.29 -14.67 -12.25
N GLY A 357 -15.40 -15.66 -12.14
CA GLY A 357 -15.78 -16.97 -11.64
N GLU A 363 -7.06 -24.74 -3.80
CA GLU A 363 -7.54 -23.37 -3.65
C GLU A 363 -6.60 -22.35 -4.28
N ARG A 364 -7.12 -21.58 -5.22
CA ARG A 364 -6.36 -20.62 -6.02
C ARG A 364 -5.69 -19.49 -5.23
N GLN A 365 -6.33 -19.04 -4.15
CA GLN A 365 -5.98 -17.76 -3.53
C GLN A 365 -4.66 -17.74 -2.76
N GLN A 366 -4.17 -16.53 -2.48
CA GLN A 366 -2.97 -16.34 -1.68
C GLN A 366 -3.33 -16.25 -0.20
N PHE A 367 -4.51 -15.71 0.06
CA PHE A 367 -5.01 -15.60 1.43
C PHE A 367 -6.31 -16.40 1.57
N LEU A 368 -6.48 -17.02 2.74
CA LEU A 368 -7.61 -17.89 3.00
C LEU A 368 -8.87 -17.10 3.33
N LEU A 369 -9.27 -16.22 2.41
CA LEU A 369 -10.45 -15.38 2.64
C LEU A 369 -11.64 -15.91 1.85
N ASP A 371 -14.51 -15.15 2.44
CA ASP A 371 -15.37 -14.11 2.96
C ASP A 371 -15.20 -12.80 2.19
N HIS A 372 -15.44 -12.86 0.89
CA HIS A 372 -15.39 -11.70 0.03
C HIS A 372 -16.46 -10.67 0.43
N ARG A 373 -16.09 -9.40 0.43
CA ARG A 373 -17.05 -8.34 0.75
C ARG A 373 -17.26 -7.40 -0.43
N SER A 374 -18.46 -6.84 -0.54
CA SER A 374 -18.85 -6.04 -1.71
C SER A 374 -18.40 -4.59 -1.62
N LEU A 375 -18.00 -4.04 -2.75
CA LEU A 375 -17.50 -2.67 -2.81
C LEU A 375 -18.52 -1.63 -2.31
N ALA A 376 -19.77 -1.79 -2.74
CA ALA A 376 -20.83 -0.87 -2.35
C ALA A 376 -21.00 -0.82 -0.83
N GLU A 377 -20.91 -2.00 -0.19
CA GLU A 377 -21.01 -2.08 1.26
C GLU A 377 -19.93 -1.26 1.95
N ILE A 378 -18.67 -1.49 1.59
CA ILE A 378 -17.57 -0.81 2.25
C ILE A 378 -17.57 0.68 1.90
N VAL A 379 -18.15 1.04 0.76
CA VAL A 379 -18.28 2.46 0.41
C VAL A 379 -19.32 3.10 1.32
N GLU A 380 -20.40 2.37 1.56
CA GLU A 380 -21.43 2.78 2.51
C GLU A 380 -20.80 3.04 3.88
N VAL A 381 -20.09 2.03 4.39
CA VAL A 381 -19.44 2.14 5.69
C VAL A 381 -18.48 3.32 5.74
N LEU A 382 -17.65 3.47 4.70
CA LEU A 382 -16.71 4.58 4.64
C LEU A 382 -17.42 5.92 4.69
N ILE A 383 -18.52 6.02 3.94
CA ILE A 383 -19.24 7.27 3.84
C ILE A 383 -19.92 7.59 5.17
N ASP A 384 -20.21 6.56 5.97
CA ASP A 384 -20.81 6.79 7.28
C ASP A 384 -19.77 7.17 8.33
N LYS A 385 -18.53 6.72 8.14
CA LYS A 385 -17.45 7.08 9.06
C LYS A 385 -16.84 8.43 8.67
N GLY A 386 -17.48 9.12 7.72
CA GLY A 386 -17.12 10.47 7.35
C GLY A 386 -16.01 10.58 6.34
N PHE A 387 -15.69 9.47 5.68
CA PHE A 387 -14.57 9.41 4.74
C PHE A 387 -14.99 9.65 3.29
N LEU A 388 -14.05 10.14 2.49
CA LEU A 388 -14.28 10.40 1.08
C LEU A 388 -13.58 9.34 0.21
N PRO A 389 -14.36 8.40 -0.34
CA PRO A 389 -13.83 7.36 -1.23
C PRO A 389 -13.45 7.95 -2.58
N SER A 390 -12.31 7.54 -3.11
CA SER A 390 -11.84 8.10 -4.38
C SER A 390 -11.33 7.02 -5.32
N PHE A 391 -11.26 7.38 -6.60
CA PHE A 391 -10.85 6.47 -7.65
C PHE A 391 -10.12 7.26 -8.73
N CYS A 392 -9.04 7.95 -8.34
CA CYS A 392 -8.43 8.95 -9.22
C CYS A 392 -6.91 8.85 -9.39
N THR A 393 -6.21 8.64 -8.27
CA THR A 393 -4.75 8.80 -8.16
C THR A 393 -4.33 10.25 -8.36
N ALA A 394 -3.08 10.44 -8.77
CA ALA A 394 -2.45 11.76 -8.85
C ALA A 394 -2.61 12.54 -7.54
N CYS A 395 -2.45 11.83 -6.43
CA CYS A 395 -2.66 12.38 -5.10
C CYS A 395 -1.89 13.68 -4.85
N TYR A 396 -0.61 13.54 -4.52
CA TYR A 396 0.29 14.67 -4.41
C TYR A 396 1.64 14.27 -4.98
N ARG A 397 1.62 13.16 -5.73
CA ARG A 397 2.82 12.54 -6.28
C ARG A 397 3.55 13.39 -7.30
N LYS A 398 2.83 14.33 -7.91
CA LYS A 398 3.37 15.18 -8.97
C LYS A 398 4.65 15.90 -8.54
N ARG A 399 4.61 16.52 -7.36
CA ARG A 399 5.76 17.25 -6.84
C ARG A 399 6.80 16.28 -6.28
N PHE A 417 -4.79 20.59 -0.37
CA PHE A 417 -5.97 19.77 -0.15
C PHE A 417 -6.32 18.98 -1.42
N CYS A 418 -6.53 19.70 -2.51
CA CYS A 418 -6.88 19.14 -3.83
C CYS A 418 -7.99 18.10 -3.75
N THR A 419 -9.06 18.46 -3.04
CA THR A 419 -10.26 17.64 -2.93
C THR A 419 -11.09 17.45 -4.23
N PRO A 420 -11.22 18.51 -5.09
CA PRO A 420 -12.03 18.41 -6.32
C PRO A 420 -11.91 17.12 -7.13
N ASP A 421 -10.69 16.69 -7.43
CA ASP A 421 -10.51 15.49 -8.26
C ASP A 421 -11.13 14.27 -7.58
N ALA A 422 -10.90 14.13 -6.28
CA ALA A 422 -11.46 13.04 -5.50
C ALA A 422 -12.99 13.11 -5.47
N LEU A 423 -13.49 14.33 -5.22
CA LEU A 423 -14.91 14.62 -5.26
C LEU A 423 -15.53 14.08 -6.53
N PHE A 424 -14.96 14.44 -7.67
CA PHE A 424 -15.55 14.06 -8.95
C PHE A 424 -15.35 12.60 -9.30
N SER A 425 -14.27 11.99 -8.80
CA SER A 425 -14.10 10.56 -8.98
C SER A 425 -15.24 9.84 -8.27
N PHE A 426 -15.52 10.29 -7.05
CA PHE A 426 -16.62 9.71 -6.28
C PHE A 426 -17.97 10.01 -6.92
N VAL A 427 -18.09 11.20 -7.53
CA VAL A 427 -19.29 11.55 -8.27
C VAL A 427 -19.52 10.54 -9.39
N GLU A 428 -18.46 10.27 -10.16
CA GLU A 428 -18.54 9.31 -11.25
C GLU A 428 -18.91 7.92 -10.76
N TYR A 429 -18.34 7.53 -9.63
CA TYR A 429 -18.71 6.26 -9.02
C TYR A 429 -20.20 6.21 -8.73
N LEU A 430 -20.71 7.25 -8.07
CA LEU A 430 -22.11 7.32 -7.69
C LEU A 430 -23.02 7.24 -8.90
N TYR A 431 -22.65 7.98 -9.95
CA TYR A 431 -23.42 7.95 -11.19
C TYR A 431 -23.39 6.55 -11.81
N GLU A 432 -22.28 5.84 -11.65
CA GLU A 432 -22.17 4.50 -12.21
C GLU A 432 -23.03 3.47 -11.46
N ILE A 433 -23.35 3.76 -10.20
CA ILE A 433 -24.12 2.83 -9.38
C ILE A 433 -25.52 3.35 -9.05
N ARG A 434 -25.99 4.32 -9.82
CA ARG A 434 -27.29 4.93 -9.59
C ARG A 434 -28.43 3.92 -9.72
N ASP A 435 -28.23 2.92 -10.58
CA ASP A 435 -29.25 1.90 -10.82
C ASP A 435 -29.01 0.66 -9.98
N LYS A 436 -27.74 0.34 -9.72
CA LYS A 436 -27.38 -0.81 -8.90
C LYS A 436 -27.92 -0.67 -7.49
N HIS A 437 -27.66 0.48 -6.86
CA HIS A 437 -28.20 0.78 -5.54
C HIS A 437 -28.60 2.25 -5.48
N PRO A 438 -29.90 2.52 -5.58
CA PRO A 438 -30.44 3.89 -5.58
C PRO A 438 -30.24 4.60 -4.23
N GLU A 439 -30.50 3.89 -3.14
CA GLU A 439 -30.38 4.49 -1.81
C GLU A 439 -28.95 4.94 -1.55
N LEU A 440 -28.00 4.14 -2.04
CA LEU A 440 -26.59 4.49 -1.93
C LEU A 440 -26.29 5.74 -2.76
N TYR A 441 -26.97 5.89 -3.89
CA TYR A 441 -26.81 7.06 -4.74
C TYR A 441 -27.29 8.32 -4.02
N LYS A 442 -28.43 8.21 -3.35
CA LYS A 442 -28.96 9.32 -2.56
C LYS A 442 -28.05 9.69 -1.40
N LYS A 443 -27.62 8.67 -0.66
CA LYS A 443 -26.74 8.87 0.48
C LYS A 443 -25.44 9.55 0.05
N GLY A 444 -24.88 9.06 -1.06
CA GLY A 444 -23.65 9.60 -1.60
C GLY A 444 -23.79 11.04 -2.02
N ASN A 445 -24.87 11.32 -2.75
CA ASN A 445 -25.19 12.68 -3.16
C ASN A 445 -25.26 13.61 -1.96
N GLY A 446 -26.02 13.22 -0.94
CA GLY A 446 -26.14 14.01 0.27
C GLY A 446 -24.81 14.28 0.93
N TYR A 447 -24.01 13.22 1.09
CA TYR A 447 -22.67 13.36 1.66
C TYR A 447 -21.84 14.38 0.89
N LEU A 448 -21.80 14.25 -0.43
CA LEU A 448 -21.05 15.16 -1.28
C LEU A 448 -21.53 16.59 -1.10
N LEU A 449 -22.84 16.76 -0.96
CA LEU A 449 -23.42 18.08 -0.69
C LEU A 449 -22.87 18.65 0.61
N GLN A 450 -22.83 17.82 1.66
CA GLN A 450 -22.31 18.26 2.95
C GLN A 450 -20.86 18.70 2.87
N VAL A 451 -20.02 17.86 2.26
CA VAL A 451 -18.61 18.19 2.09
C VAL A 451 -18.46 19.48 1.29
N VAL A 452 -19.31 19.65 0.29
CA VAL A 452 -19.25 20.82 -0.58
C VAL A 452 -19.63 22.09 0.18
N LYS A 453 -20.55 21.96 1.14
CA LYS A 453 -20.94 23.13 1.93
C LYS A 453 -19.89 23.39 3.00
N ASP A 454 -19.08 22.38 3.32
CA ASP A 454 -18.03 22.54 4.32
C ASP A 454 -16.89 23.44 3.84
N LEU A 455 -16.75 23.58 2.53
CA LEU A 455 -15.69 24.42 1.95
C LEU A 455 -16.25 25.51 1.03
N PRO A 456 -16.03 26.78 1.41
CA PRO A 456 -16.57 27.94 0.69
C PRO A 456 -15.78 28.31 -0.57
N ASN A 457 -14.55 27.79 -0.67
CA ASN A 457 -13.73 28.04 -1.85
C ASN A 457 -14.16 27.19 -3.03
N PHE A 458 -15.13 26.29 -2.79
CA PHE A 458 -15.60 25.36 -3.81
C PHE A 458 -17.10 25.52 -4.10
N GLU A 459 -17.56 26.75 -4.27
CA GLU A 459 -18.97 27.01 -4.56
C GLU A 459 -19.37 26.45 -5.94
N ASN A 460 -18.63 26.87 -6.96
CA ASN A 460 -18.90 26.46 -8.33
C ASN A 460 -18.75 24.95 -8.53
N ILE A 461 -17.83 24.36 -7.78
CA ILE A 461 -17.68 22.90 -7.77
C ILE A 461 -18.97 22.26 -7.27
N GLY A 462 -19.55 22.83 -6.22
CA GLY A 462 -20.81 22.36 -5.69
C GLY A 462 -21.94 22.45 -6.71
N ARG A 463 -22.03 23.60 -7.36
CA ARG A 463 -23.02 23.79 -8.43
C ARG A 463 -22.87 22.73 -9.51
N ALA A 464 -21.63 22.47 -9.92
CA ALA A 464 -21.35 21.49 -10.97
C ALA A 464 -21.73 20.07 -10.55
N ILE A 465 -21.35 19.69 -9.33
CA ILE A 465 -21.72 18.40 -8.76
C ILE A 465 -23.22 18.20 -8.74
N GLU A 466 -23.95 19.22 -8.34
CA GLU A 466 -25.40 19.11 -8.27
C GLU A 466 -26.01 19.04 -9.68
N TYR A 467 -25.37 19.70 -10.64
CA TYR A 467 -25.81 19.60 -12.03
C TYR A 467 -25.65 18.17 -12.56
N ILE A 468 -24.47 17.60 -12.33
CA ILE A 468 -24.17 16.24 -12.78
C ILE A 468 -25.16 15.22 -12.25
N LEU A 469 -25.47 15.32 -10.96
CA LEU A 469 -26.41 14.40 -10.32
C LEU A 469 -27.84 14.90 -10.41
N LYS A 470 -28.28 15.20 -11.63
CA LYS A 470 -29.62 15.74 -11.90
C LYS A 470 -29.90 16.99 -11.09
#